data_8GER
#
_entry.id   8GER
#
_cell.length_a   179.415
_cell.length_b   179.415
_cell.length_c   134.544
_cell.angle_alpha   90.000
_cell.angle_beta   90.000
_cell.angle_gamma   120.000
#
_symmetry.space_group_name_H-M   'P 64 2 2'
#
loop_
_entity.id
_entity.type
_entity.pdbx_description
1 polymer Beta-glucuronidase
2 non-polymer 11-(4-beta-D-glucopyranuronosylpiperazin-1-yl)dibenzo[b,f][1,4]thiazepine
3 water water
#
_entity_poly.entity_id   1
_entity_poly.type   'polypeptide(L)'
_entity_poly.pdbx_seq_one_letter_code
;SNAMLYPVLTQSRLLSDLSGVWNFKLDNGKGFEEKWYEKPLKDADTMPVPASYNDLKEGTDFRDHYGWVFYQRNISVPEY
VKSQRIVLRCAAVTHYAMIYLNGKLICEHKGGFLPFEVELNDDLQDGDNLLTIAVNNVIDYTTLPVGGKANMMSGMMGGM
GAGASDKPQNNPNFDFFNYCGITRPVKIYTTPETYINDITVTADIDFTKEEPSAVLNYNVEIKGKDYNNITCKVELFDEE
GTKLSETEGSEGTFEISNVRLWQPLNAYLYKIKVTAGQDVYTLPYGVRSVRVDGTKFLINEKPFYFKGYGKHEDTFPNGR
GINLPMNTKDISIMKWQHANSFRTSHYPYSEEMMRLCDEEGIVVIDETTAVGVNLQFGGGANFGGERIGTFDKEHGVQTQ
EHHKDVIRDLISRDKNHACVVMWSIANEPDSAAEGAYDYFKPLYDLARELDPQKRPCTLVSVQGTTADTDCSSQLSDVIC
LNRYYGWYFGGPDLEVSETGLRKELSDWGKLGKPVMFTEYGADTVSGLHDTTSVMYTEEYQVEYYEMNNKVFDEFDFVVG
EQAWNFADFATSQSLLRVQGNKKGLFTRDRKPKMVAHYFRNRWSAIPEFGYKTK
;
_entity_poly.pdbx_strand_id   A
#
# COMPACT_ATOMS: atom_id res chain seq x y z
N ASN A 2 11.35 -1.84 13.69
CA ASN A 2 12.16 -2.57 12.73
C ASN A 2 11.40 -3.73 12.12
N ALA A 3 11.28 -4.82 12.87
CA ALA A 3 10.69 -6.06 12.38
C ALA A 3 9.29 -6.23 12.95
N MET A 4 8.32 -6.47 12.06
CA MET A 4 6.92 -6.72 12.44
C MET A 4 6.46 -7.98 11.74
N LEU A 5 6.41 -9.09 12.48
CA LEU A 5 5.88 -10.33 11.93
C LEU A 5 4.37 -10.35 12.10
N TYR A 6 3.69 -10.95 11.13
CA TYR A 6 2.23 -10.99 11.18
C TYR A 6 1.78 -11.85 12.34
N PRO A 7 1.10 -11.29 13.35
CA PRO A 7 0.63 -12.13 14.47
C PRO A 7 -0.42 -13.13 14.02
N VAL A 8 -0.20 -14.37 14.41
CA VAL A 8 -1.12 -15.49 14.06
C VAL A 8 -1.02 -16.50 15.20
N LEU A 9 -2.10 -17.23 15.48
CA LEU A 9 -2.10 -18.17 16.63
C LEU A 9 -0.88 -19.09 16.55
N THR A 10 -0.17 -19.26 17.67
CA THR A 10 1.05 -20.12 17.70
C THR A 10 1.05 -20.95 18.99
N GLN A 11 1.49 -22.20 18.91
CA GLN A 11 1.60 -23.03 20.14
C GLN A 11 2.29 -22.20 21.22
N SER A 12 3.09 -21.20 20.81
CA SER A 12 3.86 -20.41 21.76
C SER A 12 3.14 -19.10 22.11
N ARG A 13 2.31 -18.60 21.22
CA ARG A 13 1.73 -17.26 21.27
C ARG A 13 0.21 -17.30 21.22
N LEU A 14 -0.43 -16.46 22.02
CA LEU A 14 -1.86 -16.23 21.91
C LEU A 14 -2.10 -15.23 20.78
N LEU A 15 -3.37 -14.86 20.59
CA LEU A 15 -3.72 -13.70 19.78
C LEU A 15 -5.15 -13.32 20.12
N SER A 16 -5.35 -12.22 20.83
CA SER A 16 -6.67 -11.76 21.27
C SER A 16 -7.01 -10.49 20.51
N ASP A 17 -7.93 -10.61 19.56
CA ASP A 17 -8.35 -9.44 18.76
C ASP A 17 -9.18 -8.50 19.62
N LEU A 18 -8.73 -7.27 19.77
CA LEU A 18 -9.48 -6.27 20.53
C LEU A 18 -10.54 -5.57 19.69
N SER A 19 -10.78 -6.07 18.47
CA SER A 19 -11.74 -5.41 17.59
C SER A 19 -13.14 -5.46 18.18
N GLY A 20 -13.83 -4.32 18.10
CA GLY A 20 -15.20 -4.24 18.56
C GLY A 20 -15.66 -2.80 18.60
N VAL A 21 -16.73 -2.57 19.34
CA VAL A 21 -17.19 -1.19 19.56
C VAL A 21 -16.44 -0.64 20.77
N TRP A 22 -15.61 0.37 20.54
CA TRP A 22 -14.91 1.05 21.62
C TRP A 22 -15.67 2.31 22.01
N ASN A 23 -15.32 2.85 23.17
CA ASN A 23 -15.72 4.21 23.49
C ASN A 23 -14.96 5.18 22.60
N PHE A 24 -15.58 6.32 22.30
CA PHE A 24 -15.01 7.24 21.33
C PHE A 24 -15.50 8.65 21.63
N LYS A 25 -14.60 9.62 21.51
CA LYS A 25 -14.97 11.00 21.72
C LYS A 25 -14.11 11.87 20.82
N LEU A 26 -14.76 12.77 20.08
CA LEU A 26 -14.03 13.80 19.35
C LEU A 26 -13.34 14.73 20.33
N ASP A 27 -12.08 15.04 20.05
CA ASP A 27 -11.36 15.97 20.91
C ASP A 27 -11.68 17.41 20.53
N ASN A 28 -11.96 18.22 21.53
CA ASN A 28 -11.94 19.67 21.38
C ASN A 28 -10.57 20.17 21.84
N GLY A 29 -10.44 21.48 22.02
CA GLY A 29 -9.17 22.01 22.45
C GLY A 29 -8.73 21.54 23.81
N LYS A 30 -9.66 21.10 24.66
CA LYS A 30 -9.38 20.83 26.06
C LYS A 30 -9.20 19.34 26.34
N GLY A 31 -8.87 18.55 25.34
CA GLY A 31 -8.81 17.11 25.52
C GLY A 31 -7.63 16.66 26.35
N PHE A 32 -6.43 17.08 25.95
CA PHE A 32 -5.22 16.66 26.67
C PHE A 32 -5.08 17.42 27.99
N GLU A 33 -5.48 18.70 28.00
CA GLU A 33 -5.41 19.53 29.18
C GLU A 33 -6.15 18.91 30.35
N GLU A 34 -7.25 18.21 30.05
CA GLU A 34 -8.05 17.52 31.03
C GLU A 34 -7.70 16.04 31.14
N LYS A 35 -6.59 15.62 30.54
CA LYS A 35 -6.08 14.24 30.62
C LYS A 35 -7.22 13.22 30.58
N TRP A 36 -7.97 13.24 29.48
CA TRP A 36 -9.07 12.31 29.30
C TRP A 36 -8.61 10.85 29.35
N TYR A 37 -7.32 10.59 29.13
CA TYR A 37 -6.80 9.23 29.12
C TYR A 37 -6.72 8.61 30.50
N GLU A 38 -6.68 9.43 31.56
CA GLU A 38 -6.59 8.88 32.91
C GLU A 38 -7.90 8.25 33.35
N LYS A 39 -9.04 8.90 33.08
CA LYS A 39 -10.36 8.46 33.49
C LYS A 39 -11.21 8.04 32.29
N PRO A 40 -12.17 7.13 32.50
CA PRO A 40 -13.05 6.73 31.40
C PRO A 40 -13.73 7.93 30.76
N LEU A 41 -13.89 7.86 29.44
CA LEU A 41 -14.42 8.97 28.66
C LEU A 41 -15.85 9.28 29.06
N LYS A 42 -16.06 10.49 29.59
CA LYS A 42 -17.40 10.93 29.94
C LYS A 42 -18.15 11.40 28.69
N ASP A 43 -19.46 11.20 28.68
CA ASP A 43 -20.32 11.64 27.58
C ASP A 43 -19.83 11.06 26.26
N ALA A 44 -19.38 9.81 26.29
CA ALA A 44 -18.71 9.21 25.15
C ALA A 44 -19.70 8.65 24.14
N ASP A 45 -19.21 8.54 22.90
CA ASP A 45 -19.88 7.97 21.74
C ASP A 45 -19.31 6.58 21.48
N THR A 46 -19.87 5.90 20.48
CA THR A 46 -19.47 4.55 20.12
C THR A 46 -18.78 4.57 18.77
N MET A 47 -17.83 3.64 18.59
CA MET A 47 -17.12 3.55 17.34
C MET A 47 -16.54 2.16 17.15
N PRO A 48 -16.85 1.48 16.05
CA PRO A 48 -16.22 0.18 15.80
C PRO A 48 -14.74 0.34 15.53
N VAL A 49 -13.99 -0.73 15.83
CA VAL A 49 -12.58 -0.81 15.48
C VAL A 49 -12.33 -2.22 14.97
N PRO A 50 -11.62 -2.38 13.84
CA PRO A 50 -10.99 -1.38 13.00
C PRO A 50 -11.93 -0.63 12.06
N ALA A 51 -11.63 0.64 11.83
CA ALA A 51 -12.38 1.43 10.86
C ALA A 51 -11.90 2.87 10.85
N SER A 52 -11.94 3.50 9.67
CA SER A 52 -11.92 4.94 9.58
C SER A 52 -13.20 5.45 10.24
N TYR A 53 -13.08 6.50 11.05
CA TYR A 53 -14.25 6.98 11.78
C TYR A 53 -15.08 8.00 10.99
N ASN A 54 -14.59 8.43 9.82
CA ASN A 54 -15.08 9.68 9.24
C ASN A 54 -16.53 9.58 8.77
N ASP A 55 -16.89 8.44 8.19
CA ASP A 55 -18.22 8.26 7.61
C ASP A 55 -19.19 7.54 8.55
N LEU A 56 -18.81 7.30 9.80
CA LEU A 56 -19.61 6.47 10.71
C LEU A 56 -20.53 7.29 11.61
N LYS A 57 -20.49 8.61 11.51
CA LYS A 57 -21.47 9.47 12.16
C LYS A 57 -21.88 10.56 11.17
N GLU A 58 -22.96 11.24 11.48
CA GLU A 58 -23.48 12.19 10.50
C GLU A 58 -22.96 13.59 10.78
N GLY A 59 -23.03 14.44 9.75
CA GLY A 59 -22.68 15.85 9.87
C GLY A 59 -21.29 16.20 9.37
N THR A 60 -21.16 17.30 8.63
CA THR A 60 -19.87 17.69 8.07
C THR A 60 -18.84 17.97 9.16
N ASP A 61 -19.27 18.61 10.26
CA ASP A 61 -18.35 18.87 11.37
C ASP A 61 -17.72 17.59 11.92
N PHE A 62 -18.38 16.45 11.78
CA PHE A 62 -17.77 15.20 12.21
C PHE A 62 -16.89 14.61 11.12
N ARG A 63 -17.37 14.65 9.87
CA ARG A 63 -16.60 14.10 8.76
C ARG A 63 -15.30 14.88 8.58
N ASP A 64 -15.38 16.21 8.59
CA ASP A 64 -14.25 17.08 8.36
C ASP A 64 -13.55 17.51 9.64
N HIS A 65 -13.63 16.72 10.71
CA HIS A 65 -13.03 17.08 11.99
C HIS A 65 -11.53 17.32 11.85
N TYR A 66 -11.04 18.32 12.57
CA TYR A 66 -9.62 18.66 12.59
C TYR A 66 -9.04 18.28 13.94
N GLY A 67 -8.05 17.39 13.95
CA GLY A 67 -7.23 17.17 15.11
C GLY A 67 -7.23 15.77 15.70
N TRP A 68 -7.57 15.68 16.99
CA TRP A 68 -7.50 14.44 17.74
C TRP A 68 -8.88 13.84 17.96
N VAL A 69 -8.89 12.51 18.11
CA VAL A 69 -10.05 11.78 18.62
C VAL A 69 -9.53 10.78 19.63
N PHE A 70 -10.39 10.41 20.57
CA PHE A 70 -10.01 9.48 21.63
C PHE A 70 -10.82 8.21 21.51
N TYR A 71 -10.13 7.09 21.31
CA TYR A 71 -10.68 5.75 21.47
C TYR A 71 -10.32 5.25 22.87
N GLN A 72 -11.17 4.36 23.40
CA GLN A 72 -10.97 3.88 24.77
C GLN A 72 -11.68 2.56 24.94
N ARG A 73 -10.95 1.59 25.48
CA ARG A 73 -11.49 0.24 25.69
C ARG A 73 -10.84 -0.35 26.94
N ASN A 74 -11.66 -0.99 27.75
CA ASN A 74 -11.14 -1.70 28.91
C ASN A 74 -10.51 -3.03 28.49
N ILE A 75 -9.31 -3.27 28.98
CA ILE A 75 -8.53 -4.45 28.65
C ILE A 75 -8.30 -5.24 29.93
N SER A 76 -8.00 -6.53 29.76
CA SER A 76 -7.81 -7.40 30.91
C SER A 76 -7.23 -8.76 30.54
N VAL A 77 -6.03 -9.04 31.02
CA VAL A 77 -5.34 -10.30 30.78
C VAL A 77 -5.44 -11.17 32.03
N PRO A 78 -5.20 -12.48 31.91
CA PRO A 78 -5.15 -13.31 33.11
C PRO A 78 -3.75 -13.36 33.68
N GLU A 79 -3.70 -13.57 35.00
CA GLU A 79 -2.41 -13.71 35.66
C GLU A 79 -1.66 -14.92 35.14
N TYR A 80 -2.38 -16.02 34.87
CA TYR A 80 -1.77 -17.28 34.44
C TYR A 80 -1.09 -17.14 33.07
N VAL A 81 -0.84 -15.91 32.64
CA VAL A 81 -0.30 -15.69 31.31
C VAL A 81 0.70 -14.54 31.27
N LYS A 82 0.67 -13.66 32.28
CA LYS A 82 1.78 -12.71 32.47
C LYS A 82 3.14 -13.40 32.47
N SER A 83 3.17 -14.69 32.80
CA SER A 83 4.34 -15.52 32.52
C SER A 83 4.96 -15.20 31.17
N GLN A 84 4.18 -15.32 30.10
CA GLN A 84 4.64 -14.93 28.75
C GLN A 84 4.61 -13.40 28.60
N ARG A 85 5.37 -12.90 27.64
CA ARG A 85 5.38 -11.46 27.39
C ARG A 85 4.18 -11.07 26.55
N ILE A 86 3.59 -9.92 26.89
CA ILE A 86 2.32 -9.43 26.35
C ILE A 86 2.64 -8.20 25.49
N VAL A 87 2.38 -8.32 24.21
CA VAL A 87 2.65 -7.29 23.20
C VAL A 87 1.32 -6.71 22.72
N LEU A 88 1.31 -5.41 22.46
CA LEU A 88 0.19 -4.75 21.79
C LEU A 88 0.61 -4.41 20.37
N ARG A 89 -0.06 -4.98 19.37
CA ARG A 89 0.25 -4.72 17.96
C ARG A 89 -0.87 -3.87 17.35
N CYS A 90 -0.50 -2.68 16.87
CA CYS A 90 -1.42 -1.81 16.15
C CYS A 90 -1.12 -1.94 14.66
N ALA A 91 -1.99 -2.64 13.93
CA ALA A 91 -1.73 -2.88 12.51
C ALA A 91 -1.61 -1.58 11.73
N ALA A 92 -2.29 -0.53 12.19
CA ALA A 92 -2.16 0.80 11.60
C ALA A 92 -3.11 1.77 12.30
N VAL A 93 -2.60 2.94 12.66
CA VAL A 93 -3.40 4.04 13.19
C VAL A 93 -3.08 5.27 12.35
N THR A 94 -4.12 5.92 11.82
CA THR A 94 -3.96 6.97 10.81
C THR A 94 -4.40 8.29 11.43
N HIS A 95 -3.47 9.25 11.53
CA HIS A 95 -2.09 9.13 11.04
C HIS A 95 -1.12 8.90 12.19
N TYR A 96 -1.29 9.72 13.22
CA TYR A 96 -0.43 9.73 14.41
C TYR A 96 -1.21 9.20 15.61
N ALA A 97 -0.64 8.24 16.32
CA ALA A 97 -1.27 7.62 17.47
C ALA A 97 -0.52 7.98 18.75
N MET A 98 -1.24 7.92 19.88
CA MET A 98 -0.63 8.07 21.20
C MET A 98 -1.36 7.15 22.16
N ILE A 99 -0.70 6.07 22.55
CA ILE A 99 -1.32 4.98 23.31
C ILE A 99 -1.11 5.22 24.80
N TYR A 100 -2.20 5.27 25.57
CA TYR A 100 -2.16 5.39 27.01
C TYR A 100 -2.66 4.10 27.65
N LEU A 101 -2.18 3.81 28.86
CA LEU A 101 -2.67 2.69 29.66
C LEU A 101 -2.81 3.17 31.10
N ASN A 102 -4.03 3.10 31.62
CA ASN A 102 -4.33 3.54 32.99
C ASN A 102 -3.90 4.99 33.23
N GLY A 103 -3.62 5.73 32.16
CA GLY A 103 -3.31 7.14 32.24
C GLY A 103 -1.89 7.51 31.86
N LYS A 104 -1.05 6.54 31.55
CA LYS A 104 0.37 6.77 31.30
C LYS A 104 0.71 6.49 29.85
N LEU A 105 1.39 7.43 29.20
CA LEU A 105 1.86 7.22 27.83
C LEU A 105 2.77 6.00 27.78
N ILE A 106 2.68 5.24 26.69
CA ILE A 106 3.46 4.01 26.55
C ILE A 106 4.01 3.89 25.14
N CYS A 107 3.37 4.55 24.17
CA CYS A 107 3.85 4.50 22.80
C CYS A 107 3.38 5.73 22.05
N GLU A 108 4.17 6.12 21.06
CA GLU A 108 3.80 7.09 20.05
C GLU A 108 4.21 6.54 18.70
N HIS A 109 3.43 6.85 17.67
CA HIS A 109 3.78 6.43 16.32
C HIS A 109 3.39 7.53 15.33
N LYS A 110 4.27 7.77 14.38
CA LYS A 110 3.98 8.60 13.23
C LYS A 110 3.91 7.69 12.02
N GLY A 111 2.97 7.95 11.12
CA GLY A 111 2.79 7.06 9.97
C GLY A 111 1.57 6.18 10.11
N GLY A 112 0.56 6.41 9.28
CA GLY A 112 -0.75 5.84 9.54
C GLY A 112 -1.10 4.60 8.74
N PHE A 113 -0.09 3.96 8.14
CA PHE A 113 -0.37 2.82 7.27
C PHE A 113 0.59 1.65 7.48
N LEU A 114 1.32 1.61 8.58
CA LEU A 114 2.26 0.52 8.81
C LEU A 114 2.24 0.12 10.27
N PRO A 115 2.49 -1.15 10.58
CA PRO A 115 2.30 -1.66 11.94
C PRO A 115 3.38 -1.19 12.90
N PHE A 116 2.99 -1.12 14.18
CA PHE A 116 3.90 -0.85 15.27
C PHE A 116 3.37 -1.57 16.50
N GLU A 117 4.28 -1.84 17.45
CA GLU A 117 3.92 -2.56 18.65
C GLU A 117 4.59 -1.93 19.86
N VAL A 118 4.09 -2.33 21.04
CA VAL A 118 4.58 -1.92 22.35
C VAL A 118 4.38 -3.12 23.27
N GLU A 119 5.28 -3.25 24.26
CA GLU A 119 5.25 -4.31 25.25
C GLU A 119 4.53 -3.84 26.52
N LEU A 120 3.72 -4.73 27.12
CA LEU A 120 2.77 -4.32 28.14
C LEU A 120 3.11 -4.85 29.53
N ASN A 121 3.93 -5.89 29.61
CA ASN A 121 4.16 -6.59 30.87
C ASN A 121 4.34 -5.61 32.02
N ASP A 122 5.20 -4.61 31.84
CA ASP A 122 5.57 -3.73 32.94
C ASP A 122 4.36 -2.97 33.46
N ASP A 123 3.75 -2.12 32.64
CA ASP A 123 2.65 -1.29 33.08
C ASP A 123 1.29 -1.99 33.00
N LEU A 124 1.27 -3.26 32.58
CA LEU A 124 0.02 -4.03 32.53
C LEU A 124 -0.28 -4.52 33.94
N GLN A 125 -1.23 -3.86 34.58
CA GLN A 125 -1.60 -4.19 35.95
C GLN A 125 -2.44 -5.47 35.96
N ASP A 126 -3.00 -5.79 37.12
CA ASP A 126 -3.91 -6.91 37.31
C ASP A 126 -5.33 -6.37 37.48
N GLY A 127 -6.22 -6.85 36.63
CA GLY A 127 -7.60 -6.42 36.56
C GLY A 127 -7.86 -5.72 35.24
N ASP A 128 -8.97 -4.99 35.22
CA ASP A 128 -9.39 -4.21 34.06
C ASP A 128 -8.59 -2.93 33.98
N ASN A 129 -7.77 -2.83 32.93
CA ASN A 129 -6.97 -1.64 32.64
C ASN A 129 -7.62 -0.82 31.53
N LEU A 130 -7.57 0.50 31.70
CA LEU A 130 -8.20 1.45 30.78
C LEU A 130 -7.21 1.74 29.64
N LEU A 131 -7.45 1.13 28.48
CA LEU A 131 -6.67 1.39 27.28
C LEU A 131 -7.29 2.57 26.52
N THR A 132 -6.45 3.54 26.18
CA THR A 132 -6.89 4.73 25.43
C THR A 132 -5.89 5.01 24.33
N ILE A 133 -6.38 5.07 23.09
CA ILE A 133 -5.58 5.45 21.94
C ILE A 133 -6.13 6.76 21.40
N ALA A 134 -5.28 7.79 21.36
CA ALA A 134 -5.63 9.05 20.74
C ALA A 134 -5.09 9.06 19.32
N VAL A 135 -5.87 9.59 18.39
CA VAL A 135 -5.52 9.57 16.97
C VAL A 135 -5.59 11.00 16.46
N ASN A 136 -4.54 11.40 15.75
CA ASN A 136 -4.44 12.72 15.16
C ASN A 136 -4.49 12.56 13.64
N ASN A 137 -5.14 13.51 12.96
CA ASN A 137 -5.32 13.41 11.53
C ASN A 137 -4.66 14.55 10.76
N VAL A 138 -3.93 15.42 11.46
CA VAL A 138 -3.38 16.62 10.82
C VAL A 138 -2.27 16.20 9.88
N ILE A 139 -2.27 16.76 8.68
CA ILE A 139 -1.28 16.51 7.65
C ILE A 139 -0.68 17.86 7.29
N ASP A 140 0.56 17.83 6.80
CA ASP A 140 1.27 19.06 6.47
C ASP A 140 2.53 18.70 5.70
N TYR A 141 3.50 19.60 5.69
CA TYR A 141 4.76 19.35 4.99
C TYR A 141 5.67 18.36 5.74
N THR A 142 5.28 17.92 6.94
CA THR A 142 6.08 16.93 7.66
C THR A 142 5.47 15.54 7.65
N THR A 143 4.30 15.35 7.05
CA THR A 143 3.65 14.05 7.05
C THR A 143 3.75 13.40 5.68
N LEU A 144 3.77 12.08 5.68
CA LEU A 144 3.50 11.30 4.48
C LEU A 144 2.21 10.51 4.73
N PRO A 145 1.12 10.77 3.99
CA PRO A 145 1.03 11.69 2.85
C PRO A 145 1.09 13.15 3.28
N VAL A 146 1.24 14.03 2.28
CA VAL A 146 1.54 15.44 2.52
C VAL A 146 0.26 16.24 2.50
N GLY A 147 0.07 17.06 3.54
CA GLY A 147 -1.00 18.05 3.57
C GLY A 147 -0.48 19.40 3.10
N GLY A 148 -1.26 20.03 2.23
CA GLY A 148 -0.96 21.34 1.68
C GLY A 148 -1.66 22.42 2.46
N LYS A 149 -1.92 23.55 1.77
CA LYS A 149 -2.56 24.71 2.38
C LYS A 149 -3.81 25.14 1.62
N ALA A 150 -4.35 24.29 0.75
CA ALA A 150 -5.52 24.64 -0.05
C ALA A 150 -6.01 23.36 -0.72
N ASN A 151 -7.00 23.48 -1.61
CA ASN A 151 -7.49 22.35 -2.37
C ASN A 151 -6.54 22.05 -3.53
N MET A 152 -6.16 20.77 -3.65
CA MET A 152 -5.14 20.32 -4.60
C MET A 152 -5.47 20.59 -6.08
N SER A 165 -10.88 30.28 5.16
CA SER A 165 -11.40 30.59 6.50
C SER A 165 -10.34 30.33 7.56
N ASP A 166 -10.46 31.00 8.71
CA ASP A 166 -9.54 30.77 9.81
C ASP A 166 -9.74 29.38 10.44
N LYS A 167 -10.91 28.78 10.28
CA LYS A 167 -11.23 27.49 10.87
C LYS A 167 -10.20 26.45 10.46
N PRO A 168 -9.46 25.86 11.40
CA PRO A 168 -8.40 24.89 11.04
C PRO A 168 -8.96 23.77 10.18
N GLN A 169 -8.15 23.31 9.24
CA GLN A 169 -8.67 22.51 8.13
C GLN A 169 -7.53 21.80 7.44
N ASN A 170 -7.58 20.46 7.41
CA ASN A 170 -6.67 19.69 6.59
C ASN A 170 -6.99 19.92 5.11
N ASN A 171 -5.95 20.02 4.29
CA ASN A 171 -6.11 20.20 2.85
C ASN A 171 -5.18 19.23 2.16
N PRO A 172 -5.68 18.04 1.82
CA PRO A 172 -4.81 17.02 1.25
C PRO A 172 -4.11 17.50 -0.02
N ASN A 173 -2.81 17.26 -0.08
CA ASN A 173 -2.05 17.46 -1.30
C ASN A 173 -2.05 16.20 -2.15
N PHE A 174 -3.18 15.51 -2.15
CA PHE A 174 -3.35 14.21 -2.78
C PHE A 174 -4.84 13.99 -2.98
N ASP A 175 -5.18 13.18 -3.97
CA ASP A 175 -6.55 13.04 -4.44
C ASP A 175 -7.24 11.81 -3.85
N PHE A 176 -7.23 11.69 -2.51
CA PHE A 176 -8.14 10.78 -1.83
C PHE A 176 -8.54 11.39 -0.50
N PHE A 177 -9.64 10.90 0.06
CA PHE A 177 -10.16 11.48 1.28
C PHE A 177 -9.28 11.09 2.45
N ASN A 178 -9.12 12.03 3.38
CA ASN A 178 -8.20 11.90 4.49
C ASN A 178 -8.81 11.07 5.62
N TYR A 179 -9.09 9.80 5.30
CA TYR A 179 -9.71 8.90 6.26
C TYR A 179 -8.74 8.57 7.39
N CYS A 180 -9.18 8.73 8.63
CA CYS A 180 -8.33 8.48 9.80
C CYS A 180 -9.13 7.77 10.89
N GLY A 181 -8.41 7.26 11.89
CA GLY A 181 -8.89 6.42 12.97
C GLY A 181 -8.05 5.17 13.03
N ILE A 182 -8.50 4.20 13.83
CA ILE A 182 -7.76 2.94 13.93
C ILE A 182 -8.06 2.11 12.68
N THR A 183 -7.34 2.42 11.60
CA THR A 183 -7.64 1.84 10.31
C THR A 183 -7.61 0.32 10.35
N ARG A 184 -6.59 -0.25 11.00
CA ARG A 184 -6.44 -1.69 10.94
C ARG A 184 -6.50 -2.29 12.35
N PRO A 185 -6.54 -3.61 12.48
CA PRO A 185 -6.88 -4.22 13.77
C PRO A 185 -5.85 -3.89 14.84
N VAL A 186 -6.33 -3.80 16.09
CA VAL A 186 -5.50 -3.64 17.27
C VAL A 186 -5.57 -4.95 18.05
N LYS A 187 -4.55 -5.77 17.94
CA LYS A 187 -4.56 -7.08 18.58
C LYS A 187 -3.54 -7.13 19.72
N ILE A 188 -3.60 -8.26 20.44
CA ILE A 188 -2.64 -8.60 21.47
C ILE A 188 -2.23 -10.04 21.25
N TYR A 189 -0.92 -10.29 21.33
CA TYR A 189 -0.41 -11.67 21.21
C TYR A 189 0.65 -11.84 22.31
N THR A 190 1.18 -13.06 22.46
CA THR A 190 2.15 -13.32 23.56
C THR A 190 3.47 -13.79 22.96
N THR A 191 4.48 -14.07 23.81
CA THR A 191 5.81 -14.47 23.28
C THR A 191 6.73 -14.95 24.39
N PRO A 192 7.30 -16.18 24.30
CA PRO A 192 8.29 -16.61 25.28
C PRO A 192 9.32 -15.50 25.45
N GLU A 193 9.81 -15.26 26.67
CA GLU A 193 10.71 -14.15 26.92
C GLU A 193 11.88 -14.12 25.99
N THR A 194 12.24 -15.27 25.42
CA THR A 194 13.15 -15.35 24.30
C THR A 194 12.34 -15.95 23.15
N TYR A 195 12.34 -15.28 22.00
CA TYR A 195 11.26 -15.41 21.01
C TYR A 195 11.81 -15.20 19.61
N ILE A 196 11.00 -15.59 18.61
CA ILE A 196 11.32 -15.27 17.22
C ILE A 196 10.89 -13.83 16.96
N ASN A 197 11.85 -12.97 16.61
CA ASN A 197 11.55 -11.57 16.36
C ASN A 197 11.46 -11.22 14.88
N ASP A 198 12.18 -11.93 14.03
CA ASP A 198 12.14 -11.66 12.60
C ASP A 198 12.53 -12.94 11.87
N ILE A 199 12.13 -13.01 10.61
CA ILE A 199 12.53 -14.12 9.74
C ILE A 199 12.68 -13.59 8.32
N THR A 200 13.73 -14.04 7.64
CA THR A 200 14.03 -13.63 6.29
C THR A 200 14.33 -14.86 5.45
N VAL A 201 13.77 -14.91 4.25
CA VAL A 201 13.91 -16.07 3.37
C VAL A 201 14.05 -15.57 1.95
N THR A 202 15.16 -15.92 1.31
CA THR A 202 15.39 -15.64 -0.10
C THR A 202 15.40 -16.96 -0.86
N ALA A 203 15.54 -16.88 -2.18
CA ALA A 203 15.48 -18.08 -3.00
C ALA A 203 16.34 -17.87 -4.24
N ASP A 204 17.43 -18.65 -4.34
CA ASP A 204 18.16 -18.78 -5.58
C ASP A 204 17.59 -19.98 -6.33
N ILE A 205 17.09 -19.72 -7.55
CA ILE A 205 16.41 -20.73 -8.35
C ILE A 205 17.30 -21.07 -9.53
N ASP A 206 17.42 -22.35 -9.78
CA ASP A 206 18.21 -22.89 -10.86
C ASP A 206 17.24 -23.26 -12.00
N PHE A 207 17.05 -22.33 -12.93
CA PHE A 207 16.37 -22.63 -14.18
C PHE A 207 17.27 -23.37 -15.18
N THR A 208 18.46 -23.80 -14.79
CA THR A 208 19.22 -24.68 -15.68
C THR A 208 18.52 -26.04 -15.87
N LYS A 209 18.20 -26.74 -14.79
CA LYS A 209 17.49 -28.02 -14.92
C LYS A 209 16.13 -27.78 -15.57
N GLU A 210 15.85 -28.46 -16.67
CA GLU A 210 14.55 -28.35 -17.33
C GLU A 210 13.43 -28.55 -16.31
N GLU A 211 13.71 -29.32 -15.26
CA GLU A 211 12.82 -29.43 -14.11
C GLU A 211 13.39 -28.62 -12.94
N PRO A 212 13.15 -27.31 -12.91
CA PRO A 212 13.92 -26.42 -12.05
C PRO A 212 13.80 -26.82 -10.58
N SER A 213 14.83 -26.46 -9.81
CA SER A 213 14.91 -26.70 -8.38
C SER A 213 15.55 -25.47 -7.73
N ALA A 214 15.46 -25.38 -6.41
CA ALA A 214 15.78 -24.14 -5.71
C ALA A 214 16.46 -24.44 -4.39
N VAL A 215 17.28 -23.48 -3.94
CA VAL A 215 17.86 -23.50 -2.61
C VAL A 215 17.44 -22.21 -1.91
N LEU A 216 16.91 -22.34 -0.70
CA LEU A 216 16.29 -21.23 0.01
C LEU A 216 17.17 -20.81 1.19
N ASN A 217 17.89 -19.71 1.02
CA ASN A 217 18.60 -19.11 2.15
C ASN A 217 17.60 -18.78 3.26
N TYR A 218 18.05 -18.88 4.50
CA TYR A 218 17.20 -18.47 5.61
C TYR A 218 18.06 -17.86 6.71
N ASN A 219 17.37 -17.23 7.67
CA ASN A 219 17.98 -16.62 8.84
C ASN A 219 16.87 -16.23 9.80
N VAL A 220 17.11 -16.36 11.10
CA VAL A 220 16.08 -16.03 12.09
C VAL A 220 16.72 -15.11 13.13
N GLU A 221 16.13 -13.94 13.35
CA GLU A 221 16.58 -13.06 14.40
C GLU A 221 15.77 -13.33 15.66
N ILE A 222 16.46 -13.39 16.80
CA ILE A 222 15.85 -13.77 18.07
C ILE A 222 16.39 -12.87 19.17
N LYS A 223 15.60 -12.70 20.23
CA LYS A 223 15.98 -11.82 21.33
C LYS A 223 15.53 -12.34 22.69
N LYS A 233 15.82 -24.81 15.09
CA LYS A 233 14.92 -25.78 14.45
C LYS A 233 14.03 -25.12 13.39
N VAL A 234 14.16 -25.60 12.15
CA VAL A 234 13.42 -25.08 11.02
C VAL A 234 12.90 -26.25 10.20
N GLU A 235 11.58 -26.35 10.06
CA GLU A 235 10.95 -27.43 9.29
C GLU A 235 10.23 -26.85 8.09
N LEU A 236 10.30 -27.55 6.97
CA LEU A 236 9.63 -27.16 5.73
C LEU A 236 8.49 -28.14 5.43
N PHE A 237 7.32 -27.59 5.12
CA PHE A 237 6.18 -28.37 4.64
C PHE A 237 5.76 -27.82 3.28
N ASP A 238 4.95 -28.61 2.57
CA ASP A 238 4.42 -28.15 1.29
C ASP A 238 2.99 -27.66 1.49
N GLU A 239 2.23 -27.55 0.39
CA GLU A 239 0.88 -27.02 0.47
C GLU A 239 -0.01 -27.84 1.41
N GLU A 240 -0.02 -29.17 1.22
CA GLU A 240 -0.92 -30.07 1.94
C GLU A 240 -0.49 -30.36 3.37
N GLY A 241 0.63 -29.81 3.83
CA GLY A 241 1.18 -30.16 5.13
C GLY A 241 2.24 -31.23 5.08
N THR A 242 2.49 -31.83 3.92
CA THR A 242 3.60 -32.74 3.72
C THR A 242 4.89 -32.12 4.25
N LYS A 243 5.46 -32.67 5.31
CA LYS A 243 6.79 -32.26 5.74
C LYS A 243 7.83 -32.84 4.80
N LEU A 244 8.83 -32.05 4.44
CA LEU A 244 9.83 -32.51 3.48
C LEU A 244 11.24 -32.52 4.03
N SER A 245 11.66 -31.47 4.73
CA SER A 245 13.04 -31.43 5.18
C SER A 245 13.11 -30.67 6.51
N GLU A 246 14.33 -30.53 7.03
CA GLU A 246 14.58 -29.96 8.35
C GLU A 246 16.02 -29.49 8.42
N THR A 247 16.24 -28.39 9.14
CA THR A 247 17.58 -27.90 9.42
C THR A 247 17.53 -27.17 10.75
N GLU A 248 18.68 -27.12 11.43
CA GLU A 248 18.76 -26.60 12.79
C GLU A 248 19.52 -25.28 12.81
N GLY A 249 19.10 -24.39 13.70
CA GLY A 249 19.89 -23.22 14.05
C GLY A 249 19.30 -21.93 13.49
N SER A 250 20.06 -20.85 13.73
CA SER A 250 19.68 -19.53 13.27
C SER A 250 19.71 -19.45 11.74
N GLU A 251 20.90 -19.64 11.16
CA GLU A 251 21.07 -19.62 9.72
C GLU A 251 21.16 -21.04 9.18
N GLY A 252 21.04 -21.16 7.86
CA GLY A 252 21.09 -22.46 7.22
C GLY A 252 20.62 -22.38 5.79
N THR A 253 20.04 -23.47 5.31
CA THR A 253 19.60 -23.54 3.91
C THR A 253 18.61 -24.69 3.74
N PHE A 254 17.98 -24.70 2.57
CA PHE A 254 17.10 -25.77 2.13
C PHE A 254 17.37 -26.01 0.65
N GLU A 255 17.22 -27.26 0.22
CA GLU A 255 17.36 -27.64 -1.17
C GLU A 255 16.09 -28.35 -1.62
N ILE A 256 15.45 -27.81 -2.65
CA ILE A 256 14.22 -28.37 -3.20
C ILE A 256 14.42 -28.59 -4.69
N SER A 257 14.14 -29.80 -5.16
CA SER A 257 14.20 -30.12 -6.57
C SER A 257 12.82 -30.48 -7.08
N ASN A 258 12.59 -30.21 -8.35
CA ASN A 258 11.23 -30.22 -8.91
C ASN A 258 10.35 -29.27 -8.12
N VAL A 259 10.89 -28.09 -7.79
CA VAL A 259 10.18 -27.13 -6.96
C VAL A 259 8.95 -26.61 -7.70
N ARG A 260 7.86 -26.42 -6.96
CA ARG A 260 6.64 -25.85 -7.51
C ARG A 260 6.73 -24.32 -7.40
N LEU A 261 6.93 -23.66 -8.53
CA LEU A 261 7.14 -22.21 -8.53
C LEU A 261 5.83 -21.46 -8.33
N TRP A 262 5.83 -20.53 -7.38
CA TRP A 262 4.80 -19.50 -7.31
C TRP A 262 4.70 -18.76 -8.63
N GLN A 263 3.50 -18.68 -9.18
CA GLN A 263 3.30 -18.04 -10.48
C GLN A 263 2.16 -17.03 -10.40
N PRO A 264 2.13 -16.07 -11.33
CA PRO A 264 0.98 -15.16 -11.40
C PRO A 264 -0.28 -15.91 -11.81
N LEU A 265 -1.33 -15.76 -11.01
CA LEU A 265 -2.60 -16.44 -11.25
C LEU A 265 -2.48 -17.95 -11.05
N ASN A 266 -1.43 -18.38 -10.36
CA ASN A 266 -1.20 -19.79 -10.09
C ASN A 266 -0.23 -19.93 -8.93
N ALA A 267 -0.63 -19.45 -7.76
CA ALA A 267 0.26 -19.44 -6.60
C ALA A 267 0.51 -20.85 -6.07
N TYR A 268 1.67 -21.01 -5.44
CA TYR A 268 1.98 -22.19 -4.63
C TYR A 268 2.77 -21.69 -3.43
N LEU A 269 2.27 -21.98 -2.23
CA LEU A 269 2.90 -21.55 -0.99
C LEU A 269 3.41 -22.75 -0.22
N TYR A 270 4.73 -22.84 -0.07
CA TYR A 270 5.28 -23.73 0.95
C TYR A 270 5.04 -23.13 2.33
N LYS A 271 5.08 -23.99 3.34
CA LYS A 271 5.01 -23.55 4.73
C LYS A 271 6.38 -23.73 5.37
N ILE A 272 6.62 -22.96 6.43
CA ILE A 272 7.92 -22.97 7.10
C ILE A 272 7.69 -22.86 8.59
N LYS A 273 8.11 -23.89 9.33
CA LYS A 273 7.91 -23.98 10.77
C LYS A 273 9.25 -23.76 11.47
N VAL A 274 9.38 -22.63 12.16
CA VAL A 274 10.60 -22.28 12.87
C VAL A 274 10.33 -22.47 14.36
N THR A 275 10.78 -23.60 14.90
CA THR A 275 10.72 -23.85 16.33
C THR A 275 12.09 -23.50 16.92
N ALA A 276 12.11 -22.56 17.85
CA ALA A 276 13.33 -22.11 18.50
C ALA A 276 13.01 -21.89 19.96
N GLY A 277 13.55 -22.75 20.83
CA GLY A 277 13.17 -22.65 22.23
C GLY A 277 11.70 -22.98 22.45
N GLN A 278 11.11 -22.30 23.42
CA GLN A 278 9.69 -22.44 23.73
C GLN A 278 8.79 -21.64 22.78
N ASP A 279 9.32 -21.23 21.62
CA ASP A 279 8.60 -20.37 20.68
C ASP A 279 8.67 -20.98 19.29
N VAL A 280 7.55 -20.94 18.56
CA VAL A 280 7.48 -21.48 17.21
C VAL A 280 6.51 -20.62 16.40
N TYR A 281 6.92 -20.32 15.17
CA TYR A 281 6.14 -19.50 14.25
C TYR A 281 6.19 -20.13 12.87
N THR A 282 5.07 -20.06 12.15
CA THR A 282 4.97 -20.60 10.81
C THR A 282 4.79 -19.45 9.83
N LEU A 283 5.37 -19.59 8.64
CA LEU A 283 5.27 -18.56 7.63
C LEU A 283 5.04 -19.22 6.28
N PRO A 284 4.07 -18.74 5.50
CA PRO A 284 3.95 -19.20 4.11
C PRO A 284 4.94 -18.47 3.24
N TYR A 285 5.46 -19.19 2.25
CA TYR A 285 6.46 -18.63 1.37
C TYR A 285 6.26 -19.19 -0.03
N GLY A 286 6.39 -18.33 -1.03
CA GLY A 286 6.37 -18.73 -2.43
C GLY A 286 7.73 -18.50 -3.04
N VAL A 287 8.23 -19.52 -3.73
CA VAL A 287 9.54 -19.44 -4.37
C VAL A 287 9.34 -18.91 -5.79
N ARG A 288 10.02 -17.82 -6.10
CA ARG A 288 9.70 -16.99 -7.26
C ARG A 288 10.92 -16.15 -7.60
N SER A 289 11.15 -15.98 -8.90
CA SER A 289 12.26 -15.17 -9.38
C SER A 289 11.74 -13.87 -10.00
N VAL A 290 12.47 -12.78 -9.79
CA VAL A 290 12.16 -11.53 -10.47
C VAL A 290 13.42 -10.73 -10.72
N ARG A 291 13.66 -10.38 -11.98
CA ARG A 291 14.71 -9.46 -12.38
C ARG A 291 14.34 -8.82 -13.70
N VAL A 292 14.80 -7.60 -13.91
CA VAL A 292 14.58 -6.89 -15.16
C VAL A 292 15.78 -7.10 -16.07
N ASP A 293 15.51 -7.14 -17.38
CA ASP A 293 16.52 -7.52 -18.38
C ASP A 293 16.21 -6.73 -19.65
N GLY A 294 16.82 -5.55 -19.76
CA GLY A 294 16.58 -4.69 -20.91
C GLY A 294 15.20 -4.05 -20.90
N THR A 295 14.35 -4.42 -21.86
CA THR A 295 12.98 -3.93 -21.92
C THR A 295 11.98 -4.98 -21.45
N LYS A 296 12.39 -5.84 -20.52
CA LYS A 296 11.63 -7.04 -20.15
C LYS A 296 11.55 -7.12 -18.65
N PHE A 297 10.34 -7.20 -18.12
CA PHE A 297 10.14 -7.52 -16.71
C PHE A 297 9.94 -9.02 -16.62
N LEU A 298 10.84 -9.69 -15.91
CA LEU A 298 10.93 -11.14 -15.93
C LEU A 298 10.54 -11.67 -14.55
N ILE A 299 9.46 -12.45 -14.52
CA ILE A 299 9.07 -13.23 -13.35
C ILE A 299 9.36 -14.68 -13.68
N ASN A 300 10.10 -15.36 -12.80
CA ASN A 300 10.60 -16.70 -13.09
C ASN A 300 11.18 -16.75 -14.49
N GLU A 301 12.01 -15.75 -14.80
CA GLU A 301 12.76 -15.71 -16.06
C GLU A 301 11.87 -15.79 -17.29
N LYS A 302 10.66 -15.25 -17.20
CA LYS A 302 9.73 -15.15 -18.31
C LYS A 302 9.25 -13.71 -18.48
N PRO A 303 8.92 -13.30 -19.72
CA PRO A 303 8.60 -11.89 -19.99
C PRO A 303 7.18 -11.45 -19.61
N PHE A 304 7.04 -10.92 -18.40
CA PHE A 304 5.74 -10.59 -17.82
C PHE A 304 5.10 -9.35 -18.47
N TYR A 305 3.79 -9.25 -18.32
CA TYR A 305 3.04 -8.07 -18.73
C TYR A 305 1.95 -7.79 -17.71
N PHE A 306 2.02 -6.63 -17.06
CA PHE A 306 1.06 -6.29 -16.02
C PHE A 306 -0.30 -6.00 -16.63
N LYS A 307 -1.33 -6.68 -16.08
CA LYS A 307 -2.73 -6.46 -16.42
C LYS A 307 -3.47 -6.22 -15.10
N GLY A 308 -3.94 -4.99 -14.92
CA GLY A 308 -4.58 -4.72 -13.64
C GLY A 308 -4.90 -3.27 -13.43
N TYR A 309 -4.65 -2.79 -12.23
CA TYR A 309 -5.10 -1.43 -11.94
C TYR A 309 -4.41 -0.83 -10.73
N GLY A 310 -4.61 0.46 -10.53
CA GLY A 310 -4.16 1.09 -9.29
C GLY A 310 -5.38 1.11 -8.40
N LYS A 311 -5.23 0.72 -7.15
CA LYS A 311 -6.43 0.59 -6.31
C LYS A 311 -6.36 1.48 -5.08
N HIS A 312 -7.40 1.44 -4.26
CA HIS A 312 -7.41 2.08 -2.98
C HIS A 312 -7.95 1.08 -2.00
N GLU A 313 -7.59 1.29 -0.74
CA GLU A 313 -8.33 0.73 0.37
C GLU A 313 -9.41 1.76 0.65
N ASP A 314 -10.55 1.54 0.02
CA ASP A 314 -11.70 2.43 0.11
C ASP A 314 -12.97 1.62 -0.08
N THR A 315 -13.79 1.57 0.96
CA THR A 315 -15.11 0.94 0.92
C THR A 315 -16.06 1.76 1.78
N PHE A 316 -17.36 1.49 1.62
CA PHE A 316 -18.37 2.14 2.45
C PHE A 316 -18.92 1.16 3.46
N PRO A 317 -19.08 1.55 4.73
CA PRO A 317 -18.70 2.88 5.23
C PRO A 317 -17.35 2.84 5.94
N ASN A 318 -16.54 1.81 5.71
CA ASN A 318 -15.34 1.62 6.53
C ASN A 318 -14.27 2.69 6.30
N GLY A 319 -14.38 3.40 5.17
CA GLY A 319 -13.36 4.41 4.82
C GLY A 319 -12.09 3.72 4.37
N ARG A 320 -10.99 3.92 5.09
CA ARG A 320 -9.74 3.20 4.76
C ARG A 320 -9.71 1.91 5.58
N GLY A 321 -10.63 1.76 6.54
CA GLY A 321 -10.67 0.56 7.42
C GLY A 321 -10.55 -0.75 6.66
N ILE A 322 -9.89 -1.75 7.27
CA ILE A 322 -9.68 -3.03 6.62
C ILE A 322 -11.02 -3.70 6.35
N ASN A 323 -11.16 -4.31 5.17
CA ASN A 323 -12.41 -4.92 4.71
C ASN A 323 -12.10 -6.27 4.08
N LEU A 324 -11.98 -7.31 4.91
CA LEU A 324 -11.61 -8.61 4.38
C LEU A 324 -12.61 -9.12 3.36
N PRO A 325 -13.93 -9.03 3.55
CA PRO A 325 -14.84 -9.50 2.50
C PRO A 325 -14.61 -8.76 1.18
N MET A 326 -14.45 -7.44 1.21
CA MET A 326 -14.19 -6.76 -0.05
C MET A 326 -12.86 -7.18 -0.65
N ASN A 327 -11.84 -7.37 0.20
CA ASN A 327 -10.56 -7.86 -0.35
C ASN A 327 -10.77 -9.11 -1.18
N THR A 328 -11.55 -10.07 -0.67
CA THR A 328 -11.76 -11.30 -1.42
C THR A 328 -12.65 -11.05 -2.63
N LYS A 329 -13.64 -10.18 -2.49
CA LYS A 329 -14.52 -9.88 -3.63
C LYS A 329 -13.75 -9.16 -4.75
N ASP A 330 -12.89 -8.21 -4.38
CA ASP A 330 -12.00 -7.59 -5.37
C ASP A 330 -11.17 -8.63 -6.12
N ILE A 331 -10.48 -9.50 -5.39
CA ILE A 331 -9.71 -10.58 -6.02
C ILE A 331 -10.57 -11.38 -6.98
N SER A 332 -11.78 -11.76 -6.55
CA SER A 332 -12.66 -12.53 -7.45
C SER A 332 -12.94 -11.76 -8.72
N ILE A 333 -13.15 -10.43 -8.59
CA ILE A 333 -13.43 -9.59 -9.75
C ILE A 333 -12.19 -9.50 -10.66
N MET A 334 -10.99 -9.43 -10.08
CA MET A 334 -9.79 -9.44 -10.90
C MET A 334 -9.71 -10.72 -11.73
N LYS A 335 -9.84 -11.87 -11.06
CA LYS A 335 -9.74 -13.14 -11.79
C LYS A 335 -10.85 -13.26 -12.81
N TRP A 336 -12.04 -12.78 -12.45
CA TRP A 336 -13.14 -12.69 -13.41
C TRP A 336 -12.76 -11.82 -14.59
N GLN A 337 -12.03 -10.71 -14.33
CA GLN A 337 -11.68 -9.75 -15.37
C GLN A 337 -10.38 -10.09 -16.10
N HIS A 338 -9.60 -11.05 -15.59
CA HIS A 338 -8.37 -11.51 -16.23
C HIS A 338 -7.21 -10.55 -15.97
N ALA A 339 -7.34 -9.73 -14.94
CA ALA A 339 -6.22 -8.95 -14.46
C ALA A 339 -5.26 -9.86 -13.71
N ASN A 340 -4.03 -9.36 -13.48
CA ASN A 340 -3.07 -10.13 -12.71
C ASN A 340 -2.32 -9.31 -11.68
N SER A 341 -2.53 -7.99 -11.63
CA SER A 341 -1.73 -7.17 -10.74
C SER A 341 -2.48 -5.92 -10.30
N PHE A 342 -2.04 -5.35 -9.18
CA PHE A 342 -2.39 -3.99 -8.84
C PHE A 342 -1.24 -3.37 -8.06
N ARG A 343 -1.38 -2.07 -7.81
CA ARG A 343 -0.40 -1.31 -7.06
C ARG A 343 -1.08 -0.80 -5.79
N THR A 344 -0.36 -0.84 -4.68
CA THR A 344 -0.93 -0.38 -3.44
C THR A 344 -0.95 1.14 -3.39
N SER A 345 -1.50 1.77 -4.43
CA SER A 345 -1.73 3.22 -4.42
C SER A 345 -2.63 3.61 -3.26
N HIS A 346 -2.21 4.60 -2.46
CA HIS A 346 -0.88 5.24 -2.47
C HIS A 346 -0.29 5.13 -1.05
N TYR A 347 -0.09 3.90 -0.58
CA TYR A 347 0.24 3.57 0.79
C TYR A 347 0.26 2.05 0.89
N PRO A 348 1.01 1.48 1.83
CA PRO A 348 0.96 0.02 2.00
C PRO A 348 -0.42 -0.41 2.43
N TYR A 349 -0.87 -1.55 1.89
CA TYR A 349 -2.17 -2.11 2.25
C TYR A 349 -2.05 -2.98 3.50
N SER A 350 -3.15 -3.60 3.89
CA SER A 350 -3.17 -4.44 5.08
C SER A 350 -2.27 -5.66 4.88
N GLU A 351 -1.79 -6.20 6.00
CA GLU A 351 -1.04 -7.45 5.95
C GLU A 351 -1.92 -8.58 5.41
N GLU A 352 -3.18 -8.63 5.86
CA GLU A 352 -4.11 -9.65 5.38
C GLU A 352 -4.23 -9.62 3.87
N MET A 353 -4.35 -8.43 3.27
CA MET A 353 -4.43 -8.38 1.81
C MET A 353 -3.17 -8.95 1.17
N MET A 354 -1.99 -8.60 1.70
CA MET A 354 -0.74 -9.11 1.13
C MET A 354 -0.70 -10.64 1.18
N ARG A 355 -0.91 -11.21 2.36
CA ARG A 355 -1.01 -12.66 2.48
C ARG A 355 -2.04 -13.24 1.51
N LEU A 356 -3.09 -12.48 1.19
CA LEU A 356 -4.14 -13.02 0.32
C LEU A 356 -3.67 -13.12 -1.12
N CYS A 357 -3.01 -12.08 -1.66
CA CYS A 357 -2.44 -12.19 -3.01
C CYS A 357 -1.31 -13.19 -3.08
N ASP A 358 -0.72 -13.55 -1.94
CA ASP A 358 0.19 -14.69 -1.91
C ASP A 358 -0.55 -15.97 -2.26
N GLU A 359 -1.67 -16.23 -1.57
CA GLU A 359 -2.45 -17.43 -1.85
C GLU A 359 -3.14 -17.36 -3.20
N GLU A 360 -3.48 -16.16 -3.66
CA GLU A 360 -4.26 -16.02 -4.88
C GLU A 360 -3.41 -15.81 -6.12
N GLY A 361 -2.12 -15.54 -5.95
CA GLY A 361 -1.23 -15.34 -7.08
C GLY A 361 -1.38 -14.01 -7.77
N ILE A 362 -1.60 -12.94 -7.02
CA ILE A 362 -1.76 -11.61 -7.58
C ILE A 362 -0.44 -10.85 -7.46
N VAL A 363 0.05 -10.32 -8.58
CA VAL A 363 1.27 -9.51 -8.55
C VAL A 363 0.95 -8.15 -7.93
N VAL A 364 1.70 -7.81 -6.88
CA VAL A 364 1.54 -6.53 -6.20
C VAL A 364 2.73 -5.63 -6.53
N ILE A 365 2.45 -4.34 -6.68
CA ILE A 365 3.48 -3.31 -6.64
C ILE A 365 3.31 -2.61 -5.30
N ASP A 366 4.19 -2.91 -4.35
CA ASP A 366 4.10 -2.37 -3.00
C ASP A 366 4.61 -0.94 -3.02
N GLU A 367 3.77 0.02 -2.56
CA GLU A 367 4.05 1.44 -2.65
C GLU A 367 3.99 2.10 -1.27
N THR A 368 4.84 3.11 -1.07
CA THR A 368 4.93 3.78 0.22
C THR A 368 3.82 4.82 0.35
N THR A 369 3.79 5.48 1.51
CA THR A 369 2.89 6.59 1.79
C THR A 369 3.35 7.91 1.16
N ALA A 370 4.28 7.89 0.22
CA ALA A 370 4.92 9.12 -0.23
C ALA A 370 4.19 9.70 -1.43
N VAL A 371 2.96 10.15 -1.17
CA VAL A 371 2.16 10.85 -2.17
C VAL A 371 2.03 12.30 -1.74
N GLY A 372 2.03 13.20 -2.72
CA GLY A 372 2.04 14.62 -2.42
C GLY A 372 3.39 15.21 -2.05
N VAL A 373 4.50 14.58 -2.48
CA VAL A 373 5.82 15.20 -2.35
C VAL A 373 6.05 16.06 -3.59
N ASN A 374 5.24 17.10 -3.75
CA ASN A 374 5.17 17.83 -5.00
C ASN A 374 4.37 19.10 -4.77
N LEU A 375 5.06 20.22 -4.56
CA LEU A 375 4.40 21.47 -4.20
C LEU A 375 3.98 22.30 -5.41
N GLN A 376 3.99 21.71 -6.60
CA GLN A 376 3.43 22.34 -7.78
C GLN A 376 1.92 22.15 -7.93
N PHE A 377 1.32 21.29 -7.10
CA PHE A 377 -0.11 21.05 -7.17
C PHE A 377 -0.88 22.26 -6.67
N GLY A 378 -1.91 22.65 -7.42
CA GLY A 378 -2.60 23.90 -7.15
C GLY A 378 -1.70 25.09 -7.39
N GLY A 379 -1.85 26.11 -6.56
CA GLY A 379 -0.94 27.24 -6.56
C GLY A 379 0.30 27.03 -5.72
N GLY A 380 0.46 25.84 -5.12
CA GLY A 380 1.63 25.57 -4.31
C GLY A 380 1.61 26.41 -3.05
N ALA A 381 2.79 26.91 -2.67
CA ALA A 381 2.92 27.82 -1.54
C ALA A 381 4.01 28.83 -1.87
N ASN A 382 3.76 30.10 -1.54
CA ASN A 382 4.64 31.20 -1.91
C ASN A 382 5.15 31.88 -0.64
N PHE A 383 6.45 31.72 -0.35
CA PHE A 383 7.12 32.38 0.76
C PHE A 383 7.86 33.60 0.22
N GLY A 384 7.75 34.73 0.92
CA GLY A 384 8.29 35.97 0.37
C GLY A 384 7.76 36.32 -1.01
N GLY A 385 6.51 36.00 -1.32
CA GLY A 385 5.96 36.22 -2.64
C GLY A 385 6.49 35.30 -3.72
N GLU A 386 7.61 34.63 -3.49
CA GLU A 386 8.19 33.72 -4.48
C GLU A 386 7.64 32.31 -4.26
N ARG A 387 7.24 31.67 -5.35
CA ARG A 387 6.70 30.32 -5.29
C ARG A 387 7.75 29.34 -4.76
N ILE A 388 7.39 28.57 -3.74
CA ILE A 388 8.31 27.63 -3.11
C ILE A 388 8.40 26.36 -3.94
N GLY A 389 9.62 25.92 -4.23
CA GLY A 389 9.82 24.65 -4.89
C GLY A 389 9.63 23.50 -3.93
N THR A 390 9.39 22.32 -4.50
CA THR A 390 9.15 21.14 -3.69
C THR A 390 10.24 20.95 -2.64
N PHE A 391 11.49 20.93 -3.09
CA PHE A 391 12.61 20.49 -2.25
C PHE A 391 13.43 21.64 -1.70
N ASP A 392 12.99 22.88 -1.88
CA ASP A 392 13.44 24.01 -1.06
C ASP A 392 13.70 23.51 0.35
N LYS A 393 14.91 23.69 0.87
CA LYS A 393 15.28 23.04 2.13
C LYS A 393 14.79 23.79 3.37
N GLU A 394 14.37 25.05 3.24
CA GLU A 394 13.86 25.80 4.36
C GLU A 394 12.32 25.89 4.38
N HIS A 395 11.69 26.00 3.21
CA HIS A 395 10.24 26.14 3.13
C HIS A 395 9.52 24.97 2.48
N GLY A 396 10.23 24.02 1.88
CA GLY A 396 9.61 22.92 1.18
C GLY A 396 9.38 21.71 2.04
N VAL A 397 9.35 20.53 1.41
CA VAL A 397 8.98 19.32 2.11
C VAL A 397 10.03 18.97 3.15
N GLN A 398 9.57 18.41 4.27
CA GLN A 398 10.39 18.08 5.42
C GLN A 398 10.19 16.62 5.81
N THR A 399 10.18 15.73 4.82
CA THR A 399 9.70 14.37 5.00
C THR A 399 10.74 13.29 4.78
N GLN A 400 11.94 13.63 4.30
CA GLN A 400 12.86 12.59 3.86
C GLN A 400 13.28 11.69 5.01
N GLU A 401 13.39 12.25 6.21
CA GLU A 401 13.66 11.41 7.37
C GLU A 401 12.53 10.40 7.58
N HIS A 402 11.29 10.88 7.71
CA HIS A 402 10.15 9.98 7.80
C HIS A 402 10.07 9.07 6.58
N HIS A 403 10.30 9.63 5.39
CA HIS A 403 10.24 8.83 4.17
C HIS A 403 11.17 7.62 4.24
N LYS A 404 12.31 7.76 4.94
CA LYS A 404 13.23 6.64 5.03
C LYS A 404 12.71 5.58 5.98
N ASP A 405 12.15 6.00 7.13
CA ASP A 405 11.56 5.04 8.05
C ASP A 405 10.44 4.24 7.39
N VAL A 406 9.68 4.89 6.51
CA VAL A 406 8.62 4.19 5.78
C VAL A 406 9.21 3.11 4.89
N ILE A 407 10.22 3.48 4.08
CA ILE A 407 10.88 2.47 3.25
C ILE A 407 11.45 1.36 4.12
N ARG A 408 11.81 1.69 5.37
CA ARG A 408 12.36 0.69 6.28
C ARG A 408 11.27 -0.24 6.77
N ASP A 409 10.24 0.31 7.40
CA ASP A 409 9.17 -0.52 7.95
C ASP A 409 8.46 -1.31 6.86
N LEU A 410 8.19 -0.70 5.70
CA LEU A 410 7.49 -1.40 4.64
C LEU A 410 8.26 -2.62 4.17
N ILE A 411 9.54 -2.43 3.81
CA ILE A 411 10.32 -3.55 3.29
C ILE A 411 10.50 -4.63 4.34
N SER A 412 10.64 -4.23 5.61
CA SER A 412 10.70 -5.22 6.68
C SER A 412 9.40 -6.00 6.79
N ARG A 413 8.25 -5.32 6.71
CA ARG A 413 6.99 -6.01 6.87
C ARG A 413 6.76 -7.01 5.74
N ASP A 414 7.00 -6.61 4.49
CA ASP A 414 6.56 -7.37 3.34
C ASP A 414 7.68 -8.07 2.60
N LYS A 415 8.87 -8.18 3.20
CA LYS A 415 10.04 -8.66 2.47
C LYS A 415 9.85 -10.08 1.93
N ASN A 416 9.05 -10.90 2.61
CA ASN A 416 8.90 -12.31 2.26
C ASN A 416 7.73 -12.61 1.33
N HIS A 417 6.82 -11.66 1.12
CA HIS A 417 5.65 -11.87 0.27
C HIS A 417 6.11 -12.11 -1.16
N ALA A 418 5.86 -13.31 -1.69
CA ALA A 418 6.09 -13.55 -3.11
C ALA A 418 5.27 -12.61 -3.98
N CYS A 419 4.13 -12.11 -3.48
CA CYS A 419 3.31 -11.25 -4.33
C CYS A 419 4.08 -9.97 -4.70
N VAL A 420 4.83 -9.41 -3.76
CA VAL A 420 5.56 -8.17 -3.99
C VAL A 420 6.66 -8.37 -5.03
N VAL A 421 6.53 -7.70 -6.17
CA VAL A 421 7.43 -7.84 -7.31
C VAL A 421 8.29 -6.60 -7.53
N MET A 422 8.09 -5.55 -6.75
CA MET A 422 8.68 -4.25 -7.04
C MET A 422 8.26 -3.30 -5.93
N TRP A 423 9.03 -2.22 -5.77
CA TRP A 423 8.72 -1.19 -4.79
C TRP A 423 8.52 0.16 -5.49
N SER A 424 7.51 0.88 -5.06
CA SER A 424 7.25 2.26 -5.48
C SER A 424 7.54 3.16 -4.31
N ILE A 425 8.60 3.97 -4.44
CA ILE A 425 9.06 4.81 -3.33
C ILE A 425 8.22 6.06 -3.18
N ALA A 426 7.57 6.50 -4.26
CA ALA A 426 6.75 7.71 -4.20
C ALA A 426 5.80 7.72 -5.40
N ASN A 427 4.60 8.28 -5.18
CA ASN A 427 3.61 8.47 -6.24
C ASN A 427 3.59 9.95 -6.63
N GLU A 428 3.98 10.23 -7.86
CA GLU A 428 3.93 11.57 -8.43
C GLU A 428 4.65 12.64 -7.60
N PRO A 429 5.87 12.39 -7.16
CA PRO A 429 6.68 13.48 -6.58
C PRO A 429 7.14 14.42 -7.68
N ASP A 430 7.59 15.61 -7.27
CA ASP A 430 8.15 16.58 -8.21
C ASP A 430 9.51 16.09 -8.68
N SER A 431 9.53 15.01 -9.45
CA SER A 431 10.73 14.25 -9.72
C SER A 431 11.58 14.85 -10.86
N ALA A 432 11.20 16.01 -11.37
CA ALA A 432 11.95 16.71 -12.41
C ALA A 432 12.39 18.09 -11.94
N ALA A 433 12.43 18.31 -10.62
CA ALA A 433 12.71 19.60 -10.03
C ALA A 433 14.03 19.58 -9.29
N GLU A 434 14.60 20.78 -9.11
CA GLU A 434 15.80 20.92 -8.31
C GLU A 434 15.59 20.27 -6.95
N GLY A 435 16.58 19.51 -6.52
CA GLY A 435 16.53 18.80 -5.26
C GLY A 435 16.02 17.38 -5.36
N ALA A 436 15.41 17.02 -6.49
CA ALA A 436 14.71 15.74 -6.58
C ALA A 436 15.69 14.58 -6.51
N TYR A 437 16.71 14.57 -7.36
CA TYR A 437 17.70 13.51 -7.28
C TYR A 437 18.29 13.40 -5.87
N ASP A 438 18.74 14.51 -5.32
CA ASP A 438 19.36 14.43 -4.00
C ASP A 438 18.35 13.99 -2.94
N TYR A 439 17.05 14.22 -3.17
CA TYR A 439 16.04 13.73 -2.25
C TYR A 439 15.85 12.22 -2.39
N PHE A 440 15.83 11.72 -3.62
CA PHE A 440 15.43 10.33 -3.85
C PHE A 440 16.59 9.34 -3.83
N LYS A 441 17.81 9.77 -4.18
CA LYS A 441 18.96 8.86 -4.18
C LYS A 441 19.11 8.11 -2.86
N PRO A 442 19.19 8.76 -1.70
CA PRO A 442 19.35 8.00 -0.44
C PRO A 442 18.20 7.04 -0.17
N LEU A 443 17.02 7.28 -0.75
CA LEU A 443 15.87 6.40 -0.52
C LEU A 443 15.94 5.18 -1.44
N TYR A 444 16.16 5.41 -2.74
CA TYR A 444 16.43 4.30 -3.64
C TYR A 444 17.56 3.42 -3.11
N ASP A 445 18.65 4.04 -2.66
CA ASP A 445 19.75 3.28 -2.08
C ASP A 445 19.26 2.44 -0.91
N LEU A 446 18.56 3.06 0.04
CA LEU A 446 18.04 2.33 1.19
C LEU A 446 17.08 1.24 0.76
N ALA A 447 16.35 1.44 -0.33
CA ALA A 447 15.41 0.42 -0.78
C ALA A 447 16.15 -0.81 -1.30
N ARG A 448 17.17 -0.60 -2.14
CA ARG A 448 17.94 -1.74 -2.62
C ARG A 448 18.81 -2.35 -1.54
N GLU A 449 19.24 -1.54 -0.56
CA GLU A 449 20.05 -2.09 0.52
C GLU A 449 19.23 -3.04 1.37
N LEU A 450 17.98 -2.68 1.67
CA LEU A 450 17.18 -3.40 2.64
C LEU A 450 16.37 -4.55 2.06
N ASP A 451 16.17 -4.59 0.73
CA ASP A 451 15.36 -5.66 0.16
C ASP A 451 16.21 -6.90 -0.12
N PRO A 452 16.15 -7.92 0.75
CA PRO A 452 17.02 -9.10 0.57
C PRO A 452 16.93 -9.73 -0.81
N GLN A 453 15.83 -9.53 -1.52
CA GLN A 453 15.67 -10.13 -2.84
C GLN A 453 16.06 -9.19 -3.96
N LYS A 454 16.51 -7.97 -3.64
CA LYS A 454 16.95 -7.02 -4.66
C LYS A 454 15.89 -6.88 -5.76
N ARG A 455 14.65 -6.66 -5.32
CA ARG A 455 13.55 -6.46 -6.26
C ARG A 455 13.64 -5.07 -6.88
N PRO A 456 13.21 -4.92 -8.12
CA PRO A 456 13.30 -3.61 -8.79
C PRO A 456 12.55 -2.54 -8.02
N CYS A 457 13.06 -1.31 -8.10
CA CYS A 457 12.44 -0.14 -7.50
C CYS A 457 12.03 0.85 -8.57
N THR A 458 11.04 1.68 -8.24
CA THR A 458 10.59 2.70 -9.17
C THR A 458 10.00 3.86 -8.40
N LEU A 459 9.64 4.91 -9.14
CA LEU A 459 8.73 5.93 -8.64
C LEU A 459 7.74 6.22 -9.76
N VAL A 460 6.49 6.46 -9.37
CA VAL A 460 5.43 6.75 -10.34
C VAL A 460 5.51 8.22 -10.73
N SER A 461 5.68 8.48 -12.03
CA SER A 461 6.00 9.79 -12.55
C SER A 461 4.74 10.57 -12.93
N VAL A 462 4.59 11.78 -12.38
CA VAL A 462 3.46 12.64 -12.72
C VAL A 462 3.54 13.08 -14.18
N GLN A 463 2.40 13.42 -14.75
CA GLN A 463 2.38 13.99 -16.09
C GLN A 463 3.28 15.21 -16.15
N GLY A 464 3.91 15.43 -17.30
CA GLY A 464 4.81 16.56 -17.45
C GLY A 464 6.28 16.19 -17.54
N THR A 465 6.73 15.22 -16.74
CA THR A 465 8.11 14.77 -16.84
C THR A 465 8.36 14.09 -18.18
N THR A 466 9.64 14.08 -18.59
CA THR A 466 10.16 13.42 -19.78
C THR A 466 11.28 12.47 -19.38
N ALA A 467 11.65 11.59 -20.31
CA ALA A 467 12.87 10.79 -20.16
C ALA A 467 14.05 11.65 -19.69
N ASP A 468 14.28 12.77 -20.37
CA ASP A 468 15.44 13.60 -20.04
C ASP A 468 15.38 14.15 -18.62
N THR A 469 14.23 14.71 -18.22
CA THR A 469 14.11 15.52 -17.00
C THR A 469 13.75 14.73 -15.75
N ASP A 470 13.39 13.45 -15.87
CA ASP A 470 12.87 12.72 -14.72
C ASP A 470 14.01 12.02 -14.00
N CYS A 471 14.26 12.42 -12.75
CA CYS A 471 15.22 11.68 -11.94
C CYS A 471 14.84 10.22 -11.81
N SER A 472 13.65 9.83 -12.25
CA SER A 472 13.33 8.40 -12.35
C SER A 472 14.08 7.74 -13.50
N SER A 473 14.44 8.48 -14.54
CA SER A 473 15.11 7.85 -15.67
C SER A 473 16.42 7.17 -15.27
N GLN A 474 17.06 7.63 -14.19
CA GLN A 474 18.30 7.03 -13.70
C GLN A 474 18.09 6.15 -12.48
N LEU A 475 17.33 6.62 -11.48
CA LEU A 475 17.25 5.91 -10.21
C LEU A 475 16.47 4.60 -10.29
N SER A 476 15.57 4.46 -11.26
CA SER A 476 14.55 3.42 -11.22
C SER A 476 14.85 2.30 -12.22
N ASP A 477 14.56 1.07 -11.81
CA ASP A 477 14.74 -0.05 -12.72
C ASP A 477 13.63 -0.12 -13.76
N VAL A 478 12.45 0.43 -13.45
CA VAL A 478 11.28 0.40 -14.32
C VAL A 478 10.67 1.78 -14.37
N ILE A 479 10.22 2.19 -15.55
CA ILE A 479 9.55 3.47 -15.72
C ILE A 479 8.04 3.25 -15.60
N CYS A 480 7.42 3.93 -14.62
CA CYS A 480 6.00 3.83 -14.30
C CYS A 480 5.36 5.19 -14.51
N LEU A 481 4.48 5.31 -15.49
CA LEU A 481 3.87 6.59 -15.84
C LEU A 481 2.41 6.68 -15.43
N ASN A 482 2.03 7.84 -14.89
CA ASN A 482 0.64 8.27 -14.72
C ASN A 482 0.37 9.30 -15.81
N ARG A 483 -0.22 8.88 -16.92
CA ARG A 483 -0.54 9.78 -18.01
C ARG A 483 -2.06 9.79 -18.30
N TYR A 484 -2.56 10.94 -18.74
CA TYR A 484 -3.99 11.22 -18.90
C TYR A 484 -4.27 11.90 -20.24
N TYR A 485 -3.66 11.39 -21.31
CA TYR A 485 -3.98 11.86 -22.65
C TYR A 485 -5.37 11.42 -23.02
N GLY A 486 -6.25 12.37 -23.35
CA GLY A 486 -7.65 12.09 -23.58
C GLY A 486 -8.54 12.34 -22.38
N TRP A 487 -7.97 12.70 -21.22
CA TRP A 487 -8.73 13.29 -20.14
C TRP A 487 -8.21 14.70 -19.84
N TYR A 488 -7.49 14.88 -18.72
CA TYR A 488 -6.88 16.18 -18.41
C TYR A 488 -6.17 16.78 -19.61
N PHE A 489 -5.49 15.96 -20.40
CA PHE A 489 -4.65 16.45 -21.50
C PHE A 489 -5.25 16.02 -22.82
N GLY A 490 -5.98 16.93 -23.45
CA GLY A 490 -6.50 16.71 -24.77
C GLY A 490 -7.98 16.40 -24.84
N GLY A 491 -8.58 15.92 -23.74
CA GLY A 491 -9.99 15.61 -23.74
C GLY A 491 -10.80 16.85 -24.10
N PRO A 492 -11.79 16.69 -24.98
CA PRO A 492 -12.38 15.47 -25.54
C PRO A 492 -11.82 14.96 -26.87
N ASP A 493 -10.74 15.58 -27.35
CA ASP A 493 -10.17 15.24 -28.64
C ASP A 493 -9.21 14.06 -28.45
N LEU A 494 -9.70 12.85 -28.77
CA LEU A 494 -8.92 11.64 -28.53
C LEU A 494 -7.89 11.38 -29.61
N GLU A 495 -8.14 11.81 -30.85
CA GLU A 495 -7.16 11.65 -31.91
C GLU A 495 -5.94 12.55 -31.70
N VAL A 496 -6.17 13.84 -31.44
CA VAL A 496 -5.06 14.73 -31.05
C VAL A 496 -4.30 14.17 -29.86
N SER A 497 -5.02 13.67 -28.86
CA SER A 497 -4.39 13.14 -27.64
C SER A 497 -3.56 11.89 -27.90
N GLU A 498 -4.00 11.06 -28.84
CA GLU A 498 -3.24 9.87 -29.20
C GLU A 498 -1.89 10.25 -29.79
N THR A 499 -1.88 11.23 -30.70
CA THR A 499 -0.63 11.79 -31.21
C THR A 499 0.29 12.20 -30.06
N GLY A 500 -0.25 12.91 -29.08
CA GLY A 500 0.59 13.31 -27.95
C GLY A 500 1.15 12.12 -27.20
N LEU A 501 0.34 11.08 -27.04
CA LEU A 501 0.76 9.92 -26.24
C LEU A 501 1.85 9.12 -26.97
N ARG A 502 1.69 8.90 -28.27
CA ARG A 502 2.75 8.25 -29.04
C ARG A 502 4.07 9.00 -28.91
N LYS A 503 4.05 10.32 -29.13
CA LYS A 503 5.29 11.08 -29.11
C LYS A 503 5.98 10.96 -27.77
N GLU A 504 5.26 11.18 -26.67
CA GLU A 504 5.90 11.03 -25.37
C GLU A 504 6.31 9.59 -25.11
N LEU A 505 5.53 8.63 -25.60
CA LEU A 505 5.85 7.23 -25.33
C LEU A 505 7.08 6.79 -26.12
N SER A 506 7.17 7.19 -27.39
CA SER A 506 8.39 6.98 -28.18
C SER A 506 9.62 7.40 -27.39
N ASP A 507 9.67 8.68 -27.00
CA ASP A 507 10.84 9.21 -26.32
C ASP A 507 11.24 8.36 -25.12
N TRP A 508 10.27 7.85 -24.36
CA TRP A 508 10.59 7.02 -23.20
C TRP A 508 11.30 5.73 -23.63
N GLY A 509 11.07 5.27 -24.86
CA GLY A 509 11.77 4.08 -25.32
C GLY A 509 13.28 4.23 -25.43
N LYS A 510 13.79 5.47 -25.42
CA LYS A 510 15.21 5.70 -25.60
C LYS A 510 16.03 5.32 -24.37
N LEU A 511 15.39 5.00 -23.25
CA LEU A 511 16.15 4.55 -22.09
C LEU A 511 16.43 3.06 -22.12
N GLY A 512 15.86 2.32 -23.08
CA GLY A 512 15.98 0.88 -23.07
C GLY A 512 15.62 0.23 -21.75
N LYS A 513 14.72 0.83 -20.98
CA LYS A 513 14.20 0.22 -19.76
C LYS A 513 12.74 -0.22 -19.97
N PRO A 514 12.19 -1.00 -19.05
CA PRO A 514 10.75 -1.33 -19.14
C PRO A 514 9.90 -0.13 -18.75
N VAL A 515 8.94 0.21 -19.63
CA VAL A 515 7.94 1.25 -19.39
C VAL A 515 6.59 0.58 -19.14
N MET A 516 5.90 1.02 -18.09
CA MET A 516 4.53 0.61 -17.84
C MET A 516 3.73 1.78 -17.29
N PHE A 517 2.43 1.80 -17.62
CA PHE A 517 1.51 2.82 -17.11
C PHE A 517 0.84 2.34 -15.83
N THR A 518 1.06 3.08 -14.75
CA THR A 518 0.41 2.80 -13.47
C THR A 518 -0.87 3.60 -13.26
N GLU A 519 -1.17 4.57 -14.12
CA GLU A 519 -2.46 5.27 -14.06
C GLU A 519 -2.79 5.83 -15.43
N TYR A 520 -4.05 5.68 -15.80
CA TYR A 520 -4.67 6.30 -16.96
C TYR A 520 -6.16 5.99 -16.88
N GLY A 521 -6.99 6.98 -17.15
CA GLY A 521 -8.42 6.81 -16.91
C GLY A 521 -9.19 8.06 -17.24
N ALA A 522 -10.48 8.00 -16.93
CA ALA A 522 -11.43 9.04 -17.32
C ALA A 522 -12.63 8.97 -16.39
N ASP A 523 -12.95 10.07 -15.71
CA ASP A 523 -14.10 10.06 -14.81
C ASP A 523 -15.35 9.68 -15.58
N THR A 524 -16.10 8.74 -15.02
CA THR A 524 -17.26 8.16 -15.69
C THR A 524 -18.35 7.91 -14.64
N VAL A 525 -19.47 8.62 -14.73
CA VAL A 525 -20.59 8.42 -13.82
C VAL A 525 -21.42 7.27 -14.35
N SER A 526 -21.44 6.16 -13.61
CA SER A 526 -22.28 5.01 -13.97
C SER A 526 -23.70 5.46 -14.32
N GLY A 527 -24.18 5.05 -15.48
CA GLY A 527 -25.51 5.42 -15.95
C GLY A 527 -25.52 6.42 -17.08
N LEU A 528 -24.44 7.19 -17.28
CA LEU A 528 -24.40 8.20 -18.32
C LEU A 528 -23.91 7.60 -19.63
N HIS A 529 -24.60 7.92 -20.72
CA HIS A 529 -24.38 7.27 -22.01
C HIS A 529 -24.71 8.23 -23.12
N ASP A 530 -24.10 8.00 -24.27
CA ASP A 530 -24.56 8.61 -25.51
C ASP A 530 -24.00 7.75 -26.63
N THR A 531 -24.79 7.61 -27.71
CA THR A 531 -24.27 6.97 -28.92
C THR A 531 -23.10 7.77 -29.49
N THR A 532 -23.19 9.10 -29.44
CA THR A 532 -22.10 10.00 -29.81
C THR A 532 -21.53 10.57 -28.51
N SER A 533 -20.39 10.02 -28.08
CA SER A 533 -19.98 10.10 -26.69
C SER A 533 -19.51 11.50 -26.30
N VAL A 534 -19.66 11.81 -25.01
CA VAL A 534 -19.06 12.98 -24.39
C VAL A 534 -18.38 12.54 -23.10
N MET A 535 -17.53 13.41 -22.58
CA MET A 535 -16.80 13.07 -21.37
C MET A 535 -17.78 12.79 -20.23
N TYR A 536 -17.38 11.87 -19.35
CA TYR A 536 -18.19 11.42 -18.21
C TYR A 536 -19.14 10.29 -18.57
N THR A 537 -19.40 10.03 -19.86
CA THR A 537 -20.22 8.89 -20.22
C THR A 537 -19.40 7.60 -20.24
N GLU A 538 -20.11 6.48 -20.21
CA GLU A 538 -19.44 5.18 -20.25
C GLU A 538 -18.83 4.89 -21.61
N GLU A 539 -19.43 5.42 -22.68
CA GLU A 539 -18.84 5.25 -24.02
C GLU A 539 -17.52 5.99 -24.13
N TYR A 540 -17.47 7.23 -23.63
CA TYR A 540 -16.21 7.95 -23.64
C TYR A 540 -15.13 7.19 -22.88
N GLN A 541 -15.48 6.62 -21.73
CA GLN A 541 -14.46 5.93 -20.93
C GLN A 541 -13.84 4.79 -21.74
N VAL A 542 -14.67 4.09 -22.52
CA VAL A 542 -14.21 2.95 -23.30
C VAL A 542 -13.36 3.42 -24.48
N GLU A 543 -13.83 4.43 -25.21
CA GLU A 543 -13.04 5.02 -26.30
C GLU A 543 -11.69 5.49 -25.76
N TYR A 544 -11.70 6.18 -24.62
CA TYR A 544 -10.47 6.65 -24.01
C TYR A 544 -9.47 5.53 -23.85
N TYR A 545 -9.92 4.39 -23.31
CA TYR A 545 -8.99 3.29 -23.13
C TYR A 545 -8.65 2.58 -24.44
N GLU A 546 -9.53 2.63 -25.44
CA GLU A 546 -9.19 2.02 -26.71
C GLU A 546 -8.06 2.79 -27.38
N MET A 547 -8.16 4.12 -27.39
CA MET A 547 -7.08 4.97 -27.87
C MET A 547 -5.77 4.67 -27.16
N ASN A 548 -5.75 4.80 -25.84
CA ASN A 548 -4.52 4.52 -25.11
C ASN A 548 -3.99 3.12 -25.39
N ASN A 549 -4.85 2.11 -25.23
CA ASN A 549 -4.37 0.74 -25.39
C ASN A 549 -3.82 0.48 -26.79
N LYS A 550 -4.37 1.14 -27.80
CA LYS A 550 -3.84 0.99 -29.14
C LYS A 550 -2.37 1.41 -29.17
N VAL A 551 -2.06 2.57 -28.59
CA VAL A 551 -0.68 3.06 -28.61
C VAL A 551 0.22 2.19 -27.73
N PHE A 552 -0.24 1.81 -26.54
CA PHE A 552 0.56 0.90 -25.72
C PHE A 552 1.04 -0.30 -26.54
N ASP A 553 0.15 -0.88 -27.36
CA ASP A 553 0.49 -2.10 -28.09
C ASP A 553 1.56 -1.87 -29.17
N GLU A 554 1.82 -0.62 -29.55
CA GLU A 554 2.80 -0.30 -30.58
C GLU A 554 4.23 -0.34 -30.09
N PHE A 555 4.48 -0.52 -28.80
CA PHE A 555 5.81 -0.36 -28.22
C PHE A 555 6.15 -1.57 -27.37
N ASP A 556 7.14 -2.36 -27.81
CA ASP A 556 7.46 -3.63 -27.17
C ASP A 556 8.22 -3.47 -25.86
N PHE A 557 8.62 -2.24 -25.51
CA PHE A 557 9.17 -1.97 -24.21
C PHE A 557 8.10 -1.61 -23.17
N VAL A 558 6.84 -1.45 -23.58
CA VAL A 558 5.74 -1.28 -22.64
C VAL A 558 5.36 -2.64 -22.07
N VAL A 559 5.57 -2.84 -20.78
CA VAL A 559 5.38 -4.15 -20.16
C VAL A 559 4.21 -4.16 -19.18
N GLY A 560 3.41 -3.11 -19.13
CA GLY A 560 2.30 -3.14 -18.20
C GLY A 560 1.25 -2.08 -18.43
N GLU A 561 -0.01 -2.44 -18.19
CA GLU A 561 -1.10 -1.49 -18.19
C GLU A 561 -1.92 -1.70 -16.93
N GLN A 562 -1.96 -0.67 -16.10
CA GLN A 562 -2.75 -0.65 -14.88
C GLN A 562 -3.63 0.59 -14.93
N ALA A 563 -4.93 0.39 -15.04
CA ALA A 563 -5.87 1.50 -15.07
C ALA A 563 -6.00 2.16 -13.70
N TRP A 564 -6.25 3.47 -13.74
CA TRP A 564 -6.75 4.19 -12.57
C TRP A 564 -8.24 4.45 -12.82
N ASN A 565 -9.10 4.02 -11.91
CA ASN A 565 -8.80 3.24 -10.70
C ASN A 565 -9.61 1.94 -10.81
N PHE A 566 -9.36 1.00 -9.90
CA PHE A 566 -10.16 -0.22 -9.87
C PHE A 566 -11.63 0.10 -9.59
N ALA A 567 -11.90 1.03 -8.66
CA ALA A 567 -13.27 1.38 -8.33
C ALA A 567 -13.34 2.82 -7.86
N ASP A 568 -14.52 3.44 -8.09
CA ASP A 568 -14.80 4.78 -7.57
C ASP A 568 -14.47 4.86 -6.09
N PHE A 569 -13.88 5.99 -5.66
CA PHE A 569 -13.46 6.15 -4.27
C PHE A 569 -13.64 7.59 -3.82
N ALA A 570 -13.60 7.80 -2.50
CA ALA A 570 -13.92 9.10 -1.93
C ALA A 570 -12.72 10.04 -1.91
N THR A 571 -12.98 11.32 -2.20
CA THR A 571 -11.98 12.37 -2.13
C THR A 571 -12.58 13.56 -1.41
N SER A 572 -11.73 14.55 -1.15
CA SER A 572 -12.18 15.86 -0.70
C SER A 572 -13.08 16.47 -1.78
N GLN A 573 -13.93 17.39 -1.37
CA GLN A 573 -14.86 18.01 -2.30
C GLN A 573 -14.17 19.10 -3.10
N SER A 574 -14.57 19.23 -4.35
CA SER A 574 -14.12 20.28 -5.28
C SER A 574 -15.05 20.21 -6.48
N LEU A 575 -14.99 21.23 -7.32
CA LEU A 575 -15.81 21.22 -8.53
C LEU A 575 -15.48 20.06 -9.45
N LEU A 576 -14.26 19.51 -9.34
CA LEU A 576 -13.78 18.55 -10.30
C LEU A 576 -13.97 17.11 -9.85
N ARG A 577 -14.67 16.91 -8.73
CA ARG A 577 -14.81 15.61 -8.10
C ARG A 577 -16.30 15.36 -7.90
N VAL A 578 -16.91 14.58 -8.80
CA VAL A 578 -18.34 14.35 -8.74
C VAL A 578 -18.68 13.30 -7.69
N GLN A 579 -18.79 13.73 -6.44
CA GLN A 579 -18.97 12.83 -5.31
C GLN A 579 -17.89 11.75 -5.33
N GLY A 580 -16.65 12.22 -5.23
CA GLY A 580 -15.49 11.35 -5.22
C GLY A 580 -14.84 11.28 -6.58
N ASN A 581 -13.88 10.38 -6.68
CA ASN A 581 -13.21 10.10 -7.94
C ASN A 581 -13.98 9.03 -8.71
N LYS A 582 -14.35 9.35 -9.95
CA LYS A 582 -15.22 8.52 -10.77
C LYS A 582 -14.45 7.83 -11.91
N LYS A 583 -13.17 7.58 -11.73
CA LYS A 583 -12.36 6.91 -12.73
C LYS A 583 -12.36 5.40 -12.56
N GLY A 584 -13.13 4.88 -11.61
CA GLY A 584 -13.20 3.44 -11.44
C GLY A 584 -13.75 2.75 -12.67
N LEU A 585 -13.26 1.54 -12.93
CA LEU A 585 -13.91 0.65 -13.87
C LEU A 585 -15.18 0.06 -13.25
N PHE A 586 -15.18 -0.09 -11.92
CA PHE A 586 -16.29 -0.51 -11.10
C PHE A 586 -16.68 0.65 -10.18
N THR A 587 -17.95 0.64 -9.75
CA THR A 587 -18.46 1.65 -8.82
C THR A 587 -17.88 1.37 -7.44
N ARG A 588 -18.20 2.22 -6.46
CA ARG A 588 -17.60 1.97 -5.15
C ARG A 588 -18.10 0.69 -4.52
N ASP A 589 -19.28 0.19 -4.92
CA ASP A 589 -19.75 -1.11 -4.50
C ASP A 589 -19.49 -2.18 -5.55
N ARG A 590 -18.44 -1.96 -6.36
CA ARG A 590 -17.83 -2.99 -7.19
C ARG A 590 -18.73 -3.49 -8.31
N LYS A 591 -19.65 -2.65 -8.75
CA LYS A 591 -20.51 -3.02 -9.85
C LYS A 591 -19.88 -2.55 -11.14
N PRO A 592 -19.85 -3.36 -12.18
CA PRO A 592 -19.10 -2.99 -13.37
C PRO A 592 -19.73 -1.82 -14.13
N LYS A 593 -18.88 -0.91 -14.56
CA LYS A 593 -19.22 -0.02 -15.66
C LYS A 593 -18.95 -0.76 -16.96
N MET A 594 -19.46 -0.19 -18.05
CA MET A 594 -19.25 -0.84 -19.35
C MET A 594 -17.78 -1.11 -19.62
N VAL A 595 -16.90 -0.20 -19.20
CA VAL A 595 -15.46 -0.37 -19.43
C VAL A 595 -14.92 -1.62 -18.77
N ALA A 596 -15.46 -2.00 -17.62
CA ALA A 596 -15.00 -3.22 -16.95
C ALA A 596 -15.12 -4.42 -17.86
N HIS A 597 -16.17 -4.45 -18.70
CA HIS A 597 -16.34 -5.56 -19.64
C HIS A 597 -15.46 -5.38 -20.86
N TYR A 598 -15.15 -4.14 -21.23
CA TYR A 598 -14.15 -3.92 -22.26
C TYR A 598 -12.80 -4.50 -21.82
N PHE A 599 -12.37 -4.20 -20.59
CA PHE A 599 -11.06 -4.71 -20.18
C PHE A 599 -11.07 -6.21 -20.04
N ARG A 600 -12.12 -6.76 -19.42
CA ARG A 600 -12.24 -8.21 -19.32
C ARG A 600 -12.04 -8.89 -20.68
N ASN A 601 -12.62 -8.32 -21.73
CA ASN A 601 -12.48 -8.92 -23.05
C ASN A 601 -11.09 -8.72 -23.63
N ARG A 602 -10.47 -7.57 -23.36
CA ARG A 602 -9.10 -7.35 -23.84
C ARG A 602 -8.11 -8.20 -23.07
N TRP A 603 -8.20 -8.17 -21.73
CA TRP A 603 -7.28 -8.97 -20.94
C TRP A 603 -7.49 -10.47 -21.16
N SER A 604 -8.61 -10.88 -21.75
CA SER A 604 -8.77 -12.32 -21.96
C SER A 604 -7.80 -12.82 -23.04
N ALA A 605 -7.39 -11.95 -23.97
CA ALA A 605 -6.54 -12.35 -25.08
C ALA A 605 -5.08 -11.95 -24.90
N ILE A 606 -4.72 -11.47 -23.72
CA ILE A 606 -3.37 -11.04 -23.39
C ILE A 606 -2.87 -11.98 -22.29
N PRO A 607 -1.79 -12.73 -22.51
CA PRO A 607 -1.32 -13.68 -21.51
C PRO A 607 -0.47 -13.00 -20.45
N GLU A 608 -0.22 -13.72 -19.36
CA GLU A 608 0.66 -13.17 -18.32
C GLU A 608 2.10 -13.11 -18.79
N PHE A 609 2.52 -14.04 -19.65
CA PHE A 609 3.90 -14.16 -20.11
C PHE A 609 3.95 -14.26 -21.63
N GLY A 610 4.90 -13.55 -22.23
CA GLY A 610 5.11 -13.63 -23.66
C GLY A 610 4.25 -12.75 -24.52
N TYR A 611 3.47 -11.84 -23.93
CA TYR A 611 2.67 -10.93 -24.73
C TYR A 611 3.59 -10.08 -25.61
N LYS A 612 4.77 -9.72 -25.10
CA LYS A 612 5.71 -8.87 -25.82
C LYS A 612 6.78 -9.68 -26.57
N THR A 613 7.73 -10.26 -25.83
CA THR A 613 8.89 -10.97 -26.41
C THR A 613 9.50 -10.23 -27.61
#